data_8PED
#
_entry.id   8PED
#
_cell.length_a   42.060
_cell.length_b   59.770
_cell.length_c   89.340
_cell.angle_alpha   90.000
_cell.angle_beta   90.000
_cell.angle_gamma   90.000
#
_symmetry.space_group_name_H-M   'P 21 21 21'
#
loop_
_entity.id
_entity.type
_entity.pdbx_description
1 polymer 'Alginate lyase'
2 branched 'beta-D-mannopyranuronic acid-(1-4)-alpha-L-gulopyranuronic acid-(1-4)-beta-D-mannopyranuronic acid'
3 branched 'beta-D-mannopyranuronic acid-(1-4)-beta-D-mannopyranuronic acid-(1-4)-alpha-D-mannopyranuronic acid'
4 non-polymer 'CHLORIDE ION'
5 water water
#
_entity_poly.entity_id   1
_entity_poly.type   'polypeptide(L)'
_entity_poly.pdbx_seq_one_letter_code
;EFLTAVSSIDTFLPVLNEAKLQWPTSALAASSEELLGGYVGSQFYLQDGKYMQFQIAGSSNRCELRQMIPDGGSEIGWAV
DDGTTHTATSSIVVPEQVDGVEEVTIMQIHSGEAPQLRISWIRSKSLDGVAYEDFIMSTVRIGTGDSSDNFVKTHLADRT
AGAMSFQIDVKDSKLTITVNGNVVVNGQDLSFWDGTDSCYFKAGAYNNNPTSESATARIKFAALAWVDHHHHHH
;
_entity_poly.pdbx_strand_id   A
#
# COMPACT_ATOMS: atom_id res chain seq x y z
N PHE A 2 -6.77 26.60 -6.82
CA PHE A 2 -5.82 25.67 -7.41
C PHE A 2 -5.44 24.55 -6.44
N LEU A 3 -5.03 23.41 -6.98
CA LEU A 3 -4.71 22.26 -6.15
C LEU A 3 -3.32 22.42 -5.54
N THR A 4 -3.25 22.25 -4.22
CA THR A 4 -2.02 22.41 -3.47
C THR A 4 -1.16 21.15 -3.57
N ALA A 5 0.14 21.34 -3.75
CA ALA A 5 1.06 20.21 -3.93
C ALA A 5 1.43 19.57 -2.60
N VAL A 6 1.60 18.26 -2.64
CA VAL A 6 1.96 17.51 -1.44
C VAL A 6 3.29 18.01 -0.86
N SER A 7 4.23 18.37 -1.74
CA SER A 7 5.54 18.80 -1.26
C SER A 7 5.52 20.19 -0.64
N SER A 8 4.38 20.88 -0.62
CA SER A 8 4.33 22.22 -0.06
C SER A 8 4.42 22.25 1.46
N ILE A 9 4.28 21.10 2.13
CA ILE A 9 4.54 20.96 3.55
C ILE A 9 5.71 19.98 3.73
N ASP A 10 6.19 19.86 4.96
CA ASP A 10 7.37 19.04 5.20
C ASP A 10 7.06 17.57 5.47
N THR A 11 5.81 17.23 5.73
CA THR A 11 5.48 15.92 6.32
C THR A 11 5.93 14.75 5.45
N PHE A 12 5.78 14.86 4.14
CA PHE A 12 6.02 13.73 3.24
C PHE A 12 7.34 13.83 2.49
N LEU A 13 8.14 14.85 2.75
CA LEU A 13 9.39 14.98 2.00
C LEU A 13 10.30 13.77 2.13
N PRO A 14 10.45 13.13 3.28
CA PRO A 14 11.33 11.95 3.33
C PRO A 14 10.91 10.84 2.38
N VAL A 15 9.63 10.47 2.37
CA VAL A 15 9.22 9.38 1.49
C VAL A 15 9.23 9.84 0.04
N LEU A 16 8.90 11.09 -0.25
CA LEU A 16 8.93 11.57 -1.64
C LEU A 16 10.34 11.54 -2.21
N ASN A 17 11.36 11.67 -1.36
CA ASN A 17 12.76 11.53 -1.76
C ASN A 17 13.14 10.08 -2.02
N GLU A 18 12.23 9.15 -1.76
CA GLU A 18 12.48 7.72 -1.86
C GLU A 18 11.34 7.01 -2.59
N ALA A 19 10.73 7.69 -3.56
CA ALA A 19 9.61 7.10 -4.27
C ALA A 19 9.42 7.79 -5.61
N LYS A 20 8.85 7.05 -6.55
CA LYS A 20 8.24 7.60 -7.75
C LYS A 20 6.74 7.42 -7.68
N LEU A 21 6.01 8.25 -8.41
CA LEU A 21 4.55 8.13 -8.50
C LEU A 21 4.18 7.45 -9.82
N GLN A 22 3.39 6.38 -9.72
CA GLN A 22 2.82 5.67 -10.85
C GLN A 22 1.35 6.03 -10.95
N TRP A 23 0.93 6.52 -12.10
CA TRP A 23 -0.45 6.92 -12.34
C TRP A 23 -0.64 7.15 -13.83
N PRO A 24 -1.76 6.74 -14.44
CA PRO A 24 -2.86 5.96 -13.88
C PRO A 24 -2.64 4.45 -13.96
N THR A 25 -1.50 4.05 -14.52
CA THR A 25 -1.07 2.66 -14.52
C THR A 25 0.28 2.59 -13.80
N SER A 26 1.06 1.56 -14.06
CA SER A 26 2.40 1.53 -13.50
C SER A 26 3.39 2.39 -14.26
N ALA A 27 2.96 2.99 -15.36
CA ALA A 27 3.79 3.97 -16.05
C ALA A 27 4.11 5.14 -15.14
N LEU A 28 5.28 5.73 -15.35
CA LEU A 28 5.77 6.81 -14.51
C LEU A 28 4.91 8.06 -14.70
N ALA A 29 4.39 8.58 -13.60
CA ALA A 29 3.73 9.88 -13.59
C ALA A 29 4.66 10.97 -13.11
N ALA A 30 5.47 10.70 -12.09
CA ALA A 30 6.36 11.71 -11.56
C ALA A 30 7.53 11.02 -10.87
N SER A 31 8.75 11.43 -11.23
CA SER A 31 9.93 10.96 -10.52
C SER A 31 9.97 11.54 -9.12
N SER A 32 10.84 10.97 -8.30
CA SER A 32 11.09 11.52 -6.97
C SER A 32 11.44 13.00 -7.03
N GLU A 33 12.33 13.37 -7.96
CA GLU A 33 12.69 14.77 -8.14
C GLU A 33 11.47 15.63 -8.46
N GLU A 34 10.61 15.15 -9.36
CA GLU A 34 9.42 15.91 -9.72
C GLU A 34 8.43 16.02 -8.57
N LEU A 35 8.32 14.96 -7.76
CA LEU A 35 7.47 15.01 -6.58
C LEU A 35 7.95 16.06 -5.60
N LEU A 36 9.25 16.05 -5.30
CA LEU A 36 9.82 17.05 -4.41
C LEU A 36 9.71 18.44 -5.00
N GLY A 37 9.61 18.56 -6.33
CA GLY A 37 9.51 19.81 -7.03
C GLY A 37 8.10 20.32 -7.23
N GLY A 38 7.10 19.72 -6.59
CA GLY A 38 5.76 20.25 -6.61
C GLY A 38 4.78 19.61 -7.58
N TYR A 39 5.08 18.42 -8.09
CA TYR A 39 4.11 17.74 -8.95
C TYR A 39 2.76 17.67 -8.25
N VAL A 40 1.70 17.96 -9.00
CA VAL A 40 0.36 18.00 -8.45
C VAL A 40 -0.67 17.76 -9.56
N GLY A 41 -1.77 17.11 -9.19
CA GLY A 41 -2.95 17.00 -10.02
C GLY A 41 -4.08 16.48 -9.16
N SER A 42 -5.26 16.37 -9.75
CA SER A 42 -6.39 15.88 -8.95
C SER A 42 -6.13 14.48 -8.40
N GLN A 43 -5.28 13.71 -9.07
CA GLN A 43 -4.94 12.35 -8.64
C GLN A 43 -4.03 12.33 -7.42
N PHE A 44 -3.35 13.44 -7.13
CA PHE A 44 -2.27 13.46 -6.12
C PHE A 44 -2.09 14.91 -5.68
N TYR A 45 -2.72 15.26 -4.55
CA TYR A 45 -2.62 16.62 -4.05
C TYR A 45 -2.80 16.62 -2.54
N LEU A 46 -2.53 17.78 -1.95
CA LEU A 46 -2.59 17.96 -0.51
C LEU A 46 -3.99 18.39 -0.11
N GLN A 47 -4.64 17.58 0.72
CA GLN A 47 -6.00 17.80 1.17
C GLN A 47 -5.96 18.31 2.59
N ASP A 48 -6.78 19.30 2.90
CA ASP A 48 -6.87 19.87 4.25
C ASP A 48 -5.54 20.43 4.76
N GLY A 49 -4.61 20.79 3.86
CA GLY A 49 -3.30 21.24 4.29
C GLY A 49 -2.46 20.21 5.03
N LYS A 50 -2.84 18.94 4.93
CA LYS A 50 -2.36 17.93 5.87
C LYS A 50 -2.16 16.57 5.20
N TYR A 51 -3.03 16.17 4.29
CA TYR A 51 -3.07 14.79 3.82
C TYR A 51 -2.55 14.67 2.41
N MET A 52 -1.70 13.68 2.17
CA MET A 52 -1.30 13.29 0.83
C MET A 52 -2.42 12.42 0.29
N GLN A 53 -3.21 12.97 -0.63
CA GLN A 53 -4.42 12.30 -1.08
C GLN A 53 -4.20 11.72 -2.47
N PHE A 54 -4.55 10.45 -2.61
CA PHE A 54 -4.48 9.71 -3.87
C PHE A 54 -5.90 9.42 -4.35
N GLN A 55 -6.13 9.58 -5.66
CA GLN A 55 -7.42 9.22 -6.25
C GLN A 55 -7.21 8.51 -7.58
N ILE A 56 -8.05 7.52 -7.86
CA ILE A 56 -7.97 6.80 -9.12
C ILE A 56 -9.29 6.10 -9.40
N ALA A 57 -9.69 6.09 -10.66
CA ALA A 57 -10.79 5.27 -11.15
C ALA A 57 -10.26 4.30 -12.19
N GLY A 58 -10.97 3.19 -12.35
CA GLY A 58 -10.67 2.21 -13.39
C GLY A 58 -10.13 0.92 -12.80
N SER A 59 -10.52 -0.21 -13.38
N SER A 59 -10.51 -0.21 -13.40
CA SER A 59 -10.11 -1.49 -12.83
CA SER A 59 -10.09 -1.52 -12.93
C SER A 59 -8.62 -1.73 -13.06
C SER A 59 -8.58 -1.66 -13.08
N SER A 60 -7.91 -1.98 -11.98
CA SER A 60 -6.47 -2.22 -11.92
CA SER A 60 -6.47 -2.22 -11.91
C SER A 60 -5.64 -0.97 -12.16
N ASN A 61 -6.28 0.19 -12.25
CA ASN A 61 -5.55 1.44 -12.30
C ASN A 61 -5.04 1.81 -10.90
N ARG A 62 -4.08 2.72 -10.86
CA ARG A 62 -3.47 3.10 -9.60
C ARG A 62 -3.05 4.55 -9.62
N CYS A 63 -2.91 5.10 -8.42
CA CYS A 63 -2.12 6.30 -8.16
C CYS A 63 -1.32 5.92 -6.91
N GLU A 64 -0.05 5.58 -7.10
CA GLU A 64 0.68 4.85 -6.07
C GLU A 64 2.13 5.28 -6.06
N LEU A 65 2.72 5.38 -4.86
CA LEU A 65 4.15 5.56 -4.70
C LEU A 65 4.83 4.19 -4.69
N ARG A 66 5.99 4.14 -5.33
CA ARG A 66 6.78 2.92 -5.49
C ARG A 66 8.17 3.24 -4.98
N GLN A 67 8.65 2.42 -4.04
CA GLN A 67 9.91 2.69 -3.34
C GLN A 67 11.11 2.74 -4.29
N MET A 68 11.90 3.80 -4.14
CA MET A 68 13.11 4.03 -4.93
C MET A 68 14.29 4.20 -3.99
N ILE A 69 15.48 3.98 -4.55
CA ILE A 69 16.71 4.33 -3.82
C ILE A 69 16.69 5.82 -3.55
N PRO A 70 17.08 6.29 -2.36
CA PRO A 70 16.93 7.71 -2.04
C PRO A 70 17.78 8.63 -2.92
N ASP A 71 17.41 9.91 -2.92
CA ASP A 71 18.24 10.97 -3.50
C ASP A 71 18.41 10.79 -5.01
N GLY A 72 17.30 10.58 -5.69
CA GLY A 72 17.30 10.47 -7.13
C GLY A 72 17.71 9.13 -7.68
N GLY A 73 17.72 8.09 -6.84
CA GLY A 73 18.16 6.77 -7.26
C GLY A 73 17.12 6.03 -8.09
N SER A 74 17.53 4.84 -8.54
CA SER A 74 16.68 4.02 -9.37
C SER A 74 15.84 3.09 -8.50
N GLU A 75 15.09 2.19 -9.14
CA GLU A 75 14.17 1.31 -8.44
C GLU A 75 14.93 0.42 -7.45
N ILE A 76 14.41 0.31 -6.25
CA ILE A 76 15.02 -0.51 -5.23
C ILE A 76 14.54 -1.95 -5.37
N GLY A 77 15.37 -2.88 -4.93
CA GLY A 77 14.97 -4.27 -4.80
C GLY A 77 15.65 -4.88 -3.59
N TRP A 78 14.87 -5.47 -2.70
CA TRP A 78 15.41 -6.15 -1.53
C TRP A 78 14.76 -7.52 -1.38
N ALA A 79 15.30 -8.31 -0.47
CA ALA A 79 14.87 -9.69 -0.28
C ALA A 79 14.36 -9.88 1.14
N VAL A 80 13.34 -10.73 1.28
CA VAL A 80 12.80 -11.00 2.61
C VAL A 80 13.81 -11.68 3.51
N ASP A 81 14.80 -12.37 2.93
CA ASP A 81 15.79 -13.12 3.67
C ASP A 81 17.18 -12.51 3.59
N ASP A 82 17.28 -11.19 3.43
CA ASP A 82 18.59 -10.55 3.41
C ASP A 82 19.13 -10.26 4.81
N GLY A 83 18.36 -10.57 5.86
CA GLY A 83 18.80 -10.42 7.23
C GLY A 83 18.50 -9.08 7.84
N THR A 84 18.10 -8.11 7.04
CA THR A 84 17.73 -6.77 7.47
C THR A 84 16.23 -6.71 7.73
N THR A 85 15.84 -5.84 8.65
CA THR A 85 14.43 -5.52 8.82
C THR A 85 14.03 -4.44 7.82
N HIS A 86 12.98 -4.73 7.05
N HIS A 86 13.02 -4.74 7.00
CA HIS A 86 12.40 -3.78 6.12
CA HIS A 86 12.44 -3.75 6.11
C HIS A 86 11.08 -3.31 6.69
C HIS A 86 11.11 -3.31 6.69
N THR A 87 10.92 -2.00 6.81
CA THR A 87 9.79 -1.42 7.51
C THR A 87 9.14 -0.31 6.72
N ALA A 88 7.83 -0.34 6.64
CA ALA A 88 7.00 0.74 6.12
C ALA A 88 5.98 1.12 7.16
N THR A 89 5.82 2.43 7.38
CA THR A 89 4.81 2.94 8.30
C THR A 89 3.87 3.87 7.56
N SER A 90 2.65 3.99 8.08
CA SER A 90 1.71 4.97 7.55
C SER A 90 0.68 5.32 8.61
N SER A 91 0.01 6.43 8.37
CA SER A 91 -1.21 6.80 9.06
C SER A 91 -2.19 7.18 7.97
N ILE A 92 -3.32 6.48 7.90
CA ILE A 92 -4.22 6.58 6.76
C ILE A 92 -5.62 6.92 7.23
N VAL A 93 -6.22 7.90 6.58
CA VAL A 93 -7.65 8.17 6.69
C VAL A 93 -8.29 7.59 5.44
N VAL A 94 -9.03 6.50 5.61
CA VAL A 94 -9.77 5.89 4.52
C VAL A 94 -11.18 6.45 4.56
N PRO A 95 -11.57 7.31 3.63
CA PRO A 95 -12.94 7.81 3.64
C PRO A 95 -13.91 6.71 3.21
N GLU A 96 -15.19 7.00 3.39
CA GLU A 96 -16.22 6.14 2.84
C GLU A 96 -16.06 6.13 1.32
N GLN A 97 -16.04 4.94 0.73
CA GLN A 97 -15.77 4.82 -0.70
C GLN A 97 -17.07 4.87 -1.49
N VAL A 98 -17.01 5.48 -2.67
CA VAL A 98 -18.20 5.68 -3.49
C VAL A 98 -18.67 4.36 -4.11
N ASP A 99 -19.93 4.35 -4.56
CA ASP A 99 -20.48 3.13 -5.14
C ASP A 99 -19.66 2.71 -6.36
N GLY A 100 -19.45 1.41 -6.50
CA GLY A 100 -18.66 0.88 -7.59
C GLY A 100 -17.24 0.56 -7.21
N VAL A 101 -16.73 1.16 -6.12
CA VAL A 101 -15.42 0.81 -5.59
C VAL A 101 -15.61 -0.35 -4.61
N GLU A 102 -14.86 -1.43 -4.83
CA GLU A 102 -15.02 -2.66 -4.07
CA GLU A 102 -15.00 -2.67 -4.08
C GLU A 102 -13.78 -3.03 -3.25
N GLU A 103 -12.59 -2.63 -3.68
CA GLU A 103 -11.37 -2.96 -2.99
C GLU A 103 -10.33 -1.94 -3.40
N VAL A 104 -9.62 -1.38 -2.43
CA VAL A 104 -8.57 -0.40 -2.72
C VAL A 104 -7.33 -0.82 -1.95
N THR A 105 -6.30 -1.21 -2.68
CA THR A 105 -5.02 -1.54 -2.06
C THR A 105 -4.28 -0.26 -1.69
N ILE A 106 -3.88 -0.16 -0.43
CA ILE A 106 -3.31 1.06 0.12
C ILE A 106 -1.84 0.93 0.53
N MET A 107 -1.35 -0.28 0.79
CA MET A 107 0.07 -0.53 0.96
C MET A 107 0.38 -1.89 0.38
N GLN A 108 1.60 -2.05 -0.14
CA GLN A 108 2.05 -3.33 -0.68
C GLN A 108 3.50 -3.61 -0.33
N ILE A 109 3.82 -4.90 -0.34
CA ILE A 109 5.16 -5.41 -0.68
C ILE A 109 4.97 -6.11 -2.01
N HIS A 110 5.71 -5.69 -3.04
CA HIS A 110 5.58 -6.25 -4.37
C HIS A 110 6.98 -6.56 -4.90
N SER A 111 7.07 -7.47 -5.86
CA SER A 111 8.33 -7.79 -6.51
C SER A 111 8.18 -7.60 -8.02
N GLY A 112 9.16 -8.13 -8.76
CA GLY A 112 9.07 -8.06 -10.20
C GLY A 112 7.92 -8.85 -10.79
N GLU A 113 7.33 -9.77 -10.03
CA GLU A 113 6.33 -10.68 -10.58
CA GLU A 113 6.33 -10.69 -10.57
C GLU A 113 5.05 -10.80 -9.78
N ALA A 114 4.99 -10.37 -8.52
CA ALA A 114 3.82 -10.69 -7.72
C ALA A 114 3.75 -9.79 -6.50
N PRO A 115 2.57 -9.65 -5.91
CA PRO A 115 2.44 -9.01 -4.61
C PRO A 115 2.66 -9.98 -3.47
N GLN A 116 3.73 -9.80 -2.71
CA GLN A 116 3.88 -10.57 -1.47
C GLN A 116 2.79 -10.22 -0.47
N LEU A 117 2.47 -8.93 -0.37
CA LEU A 117 1.47 -8.46 0.58
C LEU A 117 0.70 -7.30 -0.04
N ARG A 118 -0.63 -7.32 0.10
CA ARG A 118 -1.46 -6.16 -0.11
C ARG A 118 -2.27 -5.91 1.14
N ILE A 119 -2.22 -4.67 1.65
CA ILE A 119 -3.17 -4.20 2.64
C ILE A 119 -4.22 -3.44 1.86
N SER A 120 -5.49 -3.81 2.00
CA SER A 120 -6.54 -3.20 1.20
C SER A 120 -7.79 -2.95 2.02
N TRP A 121 -8.47 -1.86 1.65
CA TRP A 121 -9.85 -1.68 2.07
C TRP A 121 -10.74 -2.57 1.22
N ILE A 122 -11.75 -3.17 1.86
CA ILE A 122 -12.69 -4.10 1.22
C ILE A 122 -14.11 -3.72 1.58
N ARG A 123 -14.98 -3.64 0.58
CA ARG A 123 -16.39 -3.35 0.85
C ARG A 123 -17.09 -4.50 1.58
N SER A 124 -16.95 -5.72 1.07
CA SER A 124 -17.66 -6.86 1.64
C SER A 124 -16.96 -8.14 1.21
N LYS A 125 -16.65 -9.00 2.18
CA LYS A 125 -16.01 -10.27 1.86
C LYS A 125 -16.13 -11.20 3.07
N SER A 126 -16.22 -12.50 2.79
CA SER A 126 -16.20 -13.51 3.83
CA SER A 126 -16.20 -13.51 3.83
C SER A 126 -14.84 -14.16 3.87
N LEU A 127 -14.28 -14.29 5.07
CA LEU A 127 -12.98 -14.90 5.32
C LEU A 127 -13.12 -15.96 6.40
N ASP A 128 -12.71 -17.18 6.09
CA ASP A 128 -12.76 -18.29 7.04
C ASP A 128 -14.15 -18.42 7.65
N GLY A 129 -15.17 -18.24 6.81
CA GLY A 129 -16.54 -18.42 7.26
C GLY A 129 -17.12 -17.28 8.04
N VAL A 130 -16.49 -16.11 8.06
CA VAL A 130 -17.00 -14.93 8.73
C VAL A 130 -17.17 -13.82 7.70
N ALA A 131 -18.35 -13.22 7.66
CA ALA A 131 -18.60 -12.10 6.76
C ALA A 131 -18.14 -10.81 7.41
N TYR A 132 -17.44 -9.97 6.65
CA TYR A 132 -16.99 -8.67 7.10
C TYR A 132 -17.37 -7.62 6.09
N GLU A 133 -17.70 -6.44 6.58
CA GLU A 133 -17.98 -5.29 5.72
CA GLU A 133 -17.99 -5.29 5.73
C GLU A 133 -17.10 -4.12 6.11
N ASP A 134 -16.74 -3.31 5.10
CA ASP A 134 -16.12 -2.02 5.29
C ASP A 134 -14.91 -2.14 6.21
N PHE A 135 -13.92 -2.89 5.76
CA PHE A 135 -12.82 -3.28 6.62
C PHE A 135 -11.50 -3.25 5.87
N ILE A 136 -10.42 -3.33 6.65
CA ILE A 136 -9.05 -3.37 6.14
C ILE A 136 -8.55 -4.80 6.27
N MET A 137 -8.00 -5.33 5.18
CA MET A 137 -7.60 -6.72 5.05
C MET A 137 -6.14 -6.81 4.64
N SER A 138 -5.53 -7.94 4.97
N SER A 138 -5.47 -7.87 5.06
CA SER A 138 -4.19 -8.28 4.51
CA SER A 138 -4.19 -8.24 4.45
C SER A 138 -4.26 -9.53 3.64
C SER A 138 -4.37 -9.48 3.58
N THR A 139 -3.72 -9.44 2.42
CA THR A 139 -3.64 -10.57 1.51
C THR A 139 -2.16 -10.86 1.29
N VAL A 140 -1.71 -12.01 1.79
CA VAL A 140 -0.32 -12.44 1.65
C VAL A 140 -0.28 -13.59 0.66
N ARG A 141 0.64 -13.53 -0.29
CA ARG A 141 0.88 -14.67 -1.15
C ARG A 141 1.96 -15.58 -0.56
N ILE A 142 1.64 -16.86 -0.50
CA ILE A 142 2.61 -17.89 -0.15
C ILE A 142 2.89 -18.81 -1.35
N GLY A 143 2.42 -18.43 -2.53
CA GLY A 143 2.74 -19.09 -3.78
C GLY A 143 2.27 -18.21 -4.93
N THR A 144 2.54 -18.67 -6.16
CA THR A 144 2.14 -17.94 -7.35
C THR A 144 0.90 -18.49 -8.02
N GLY A 145 0.31 -19.56 -7.47
CA GLY A 145 -0.90 -20.12 -8.03
C GLY A 145 -2.12 -19.25 -7.78
N ASP A 146 -3.23 -19.68 -8.39
CA ASP A 146 -4.48 -18.93 -8.31
CA ASP A 146 -4.49 -18.94 -8.32
C ASP A 146 -5.44 -19.46 -7.26
N SER A 147 -5.25 -20.69 -6.77
CA SER A 147 -6.16 -21.27 -5.80
C SER A 147 -5.97 -20.64 -4.42
N SER A 148 -6.99 -20.79 -3.58
CA SER A 148 -6.99 -20.14 -2.28
C SER A 148 -5.81 -20.55 -1.41
N ASP A 149 -5.25 -21.75 -1.62
CA ASP A 149 -4.10 -22.20 -0.84
CA ASP A 149 -4.10 -22.19 -0.83
C ASP A 149 -2.85 -21.35 -1.08
N ASN A 150 -2.86 -20.49 -2.09
CA ASN A 150 -1.73 -19.59 -2.35
C ASN A 150 -1.80 -18.30 -1.57
N PHE A 151 -2.85 -18.08 -0.80
CA PHE A 151 -3.09 -16.80 -0.14
C PHE A 151 -3.39 -17.03 1.34
N VAL A 152 -2.98 -16.07 2.16
CA VAL A 152 -3.49 -15.96 3.52
C VAL A 152 -4.15 -14.59 3.60
N LYS A 153 -5.46 -14.59 3.77
N LYS A 153 -5.46 -14.58 3.82
CA LYS A 153 -6.24 -13.36 3.90
CA LYS A 153 -6.25 -13.34 3.86
C LYS A 153 -6.69 -13.22 5.35
C LYS A 153 -6.84 -13.17 5.26
N THR A 154 -6.62 -12.00 5.86
CA THR A 154 -6.88 -11.75 7.28
C THR A 154 -7.59 -10.42 7.45
N HIS A 155 -8.67 -10.41 8.24
CA HIS A 155 -9.25 -9.15 8.69
C HIS A 155 -8.26 -8.47 9.63
N LEU A 156 -7.91 -7.22 9.32
CA LEU A 156 -7.02 -6.47 10.20
C LEU A 156 -7.79 -5.58 11.17
N ALA A 157 -8.77 -4.83 10.67
CA ALA A 157 -9.52 -3.88 11.48
C ALA A 157 -10.71 -3.40 10.65
N ASP A 158 -11.80 -3.06 11.33
CA ASP A 158 -12.87 -2.34 10.65
C ASP A 158 -12.38 -0.95 10.26
N ARG A 159 -12.84 -0.45 9.12
CA ARG A 159 -12.45 0.91 8.73
C ARG A 159 -12.94 1.91 9.78
N THR A 160 -12.08 2.87 10.13
CA THR A 160 -12.44 3.94 11.03
C THR A 160 -12.52 5.26 10.28
N ALA A 161 -13.37 6.16 10.77
CA ALA A 161 -13.43 7.48 10.19
C ALA A 161 -12.10 8.21 10.40
N GLY A 162 -11.50 8.03 11.57
CA GLY A 162 -10.25 8.68 11.88
C GLY A 162 -9.04 7.92 11.37
N ALA A 163 -7.90 8.59 11.47
CA ALA A 163 -6.64 8.01 11.02
C ALA A 163 -6.37 6.69 11.69
N MET A 164 -5.85 5.74 10.92
CA MET A 164 -5.46 4.42 11.38
C MET A 164 -3.99 4.24 11.04
N SER A 165 -3.20 3.84 12.04
CA SER A 165 -1.78 3.63 11.80
CA SER A 165 -1.77 3.63 11.81
C SER A 165 -1.51 2.20 11.37
N PHE A 166 -0.55 2.04 10.47
CA PHE A 166 -0.10 0.75 9.99
C PHE A 166 1.41 0.70 10.06
N GLN A 167 1.92 -0.50 10.35
CA GLN A 167 3.34 -0.75 10.17
C GLN A 167 3.51 -2.15 9.60
N ILE A 168 4.35 -2.25 8.59
CA ILE A 168 4.74 -3.51 7.98
C ILE A 168 6.21 -3.73 8.30
N ASP A 169 6.55 -4.89 8.85
CA ASP A 169 7.94 -5.26 9.10
C ASP A 169 8.21 -6.60 8.46
N VAL A 170 9.33 -6.72 7.76
CA VAL A 170 9.82 -7.98 7.24
C VAL A 170 11.23 -8.19 7.77
N LYS A 171 11.46 -9.32 8.42
CA LYS A 171 12.80 -9.68 8.84
CA LYS A 171 12.80 -9.68 8.84
C LYS A 171 12.91 -11.20 8.86
N ASP A 172 14.00 -11.71 8.31
CA ASP A 172 14.28 -13.14 8.33
C ASP A 172 13.08 -13.94 7.82
N SER A 173 12.53 -13.51 6.70
CA SER A 173 11.47 -14.22 6.00
C SER A 173 10.17 -14.28 6.80
N LYS A 174 9.94 -13.34 7.72
CA LYS A 174 8.71 -13.29 8.48
C LYS A 174 8.12 -11.88 8.43
N LEU A 175 6.80 -11.82 8.36
CA LEU A 175 6.05 -10.57 8.21
C LEU A 175 5.25 -10.29 9.46
N THR A 176 5.32 -9.05 9.93
CA THR A 176 4.48 -8.57 11.03
C THR A 176 3.74 -7.33 10.56
N ILE A 177 2.45 -7.25 10.88
CA ILE A 177 1.63 -6.09 10.58
C ILE A 177 1.03 -5.61 11.89
N THR A 178 1.22 -4.33 12.16
CA THR A 178 0.74 -3.68 13.38
C THR A 178 -0.25 -2.60 12.96
N VAL A 179 -1.41 -2.59 13.59
CA VAL A 179 -2.49 -1.67 13.26
C VAL A 179 -2.87 -0.94 14.53
N ASN A 180 -2.83 0.39 14.50
CA ASN A 180 -3.11 1.20 15.69
C ASN A 180 -2.32 0.73 16.90
N GLY A 181 -1.06 0.31 16.67
CA GLY A 181 -0.18 -0.06 17.74
C GLY A 181 -0.33 -1.48 18.23
N ASN A 182 -1.26 -2.26 17.68
CA ASN A 182 -1.47 -3.65 18.07
C ASN A 182 -1.02 -4.58 16.96
N VAL A 183 -0.25 -5.60 17.31
CA VAL A 183 0.17 -6.59 16.33
C VAL A 183 -1.05 -7.42 15.94
N VAL A 184 -1.38 -7.43 14.66
N VAL A 184 -1.35 -7.46 14.64
CA VAL A 184 -2.47 -8.23 14.15
CA VAL A 184 -2.50 -8.19 14.11
C VAL A 184 -1.97 -9.45 13.39
C VAL A 184 -2.11 -9.34 13.19
N VAL A 185 -0.94 -9.29 12.58
CA VAL A 185 -0.30 -10.40 11.90
C VAL A 185 1.07 -10.54 12.53
N ASN A 186 1.34 -11.71 13.10
CA ASN A 186 2.53 -11.94 13.89
C ASN A 186 3.35 -13.06 13.23
N GLY A 187 4.43 -12.70 12.57
CA GLY A 187 5.35 -13.68 12.04
C GLY A 187 4.81 -14.56 10.92
N GLN A 188 4.02 -14.00 10.02
CA GLN A 188 3.58 -14.74 8.84
C GLN A 188 4.80 -15.17 8.01
N ASP A 189 4.80 -16.42 7.57
CA ASP A 189 5.90 -16.97 6.79
C ASP A 189 5.92 -16.35 5.40
N LEU A 190 7.08 -15.78 5.03
CA LEU A 190 7.35 -15.31 3.68
C LEU A 190 8.46 -16.11 3.00
N SER A 191 8.82 -17.27 3.56
CA SER A 191 9.99 -17.98 3.06
C SER A 191 9.81 -18.51 1.64
N PHE A 192 8.58 -18.61 1.14
CA PHE A 192 8.40 -18.93 -0.27
C PHE A 192 9.20 -17.99 -1.15
N TRP A 193 9.34 -16.73 -0.72
CA TRP A 193 9.99 -15.68 -1.48
C TRP A 193 11.49 -15.58 -1.22
N ASP A 194 12.06 -16.50 -0.44
CA ASP A 194 13.49 -16.44 -0.18
C ASP A 194 14.26 -16.38 -1.48
N GLY A 195 15.26 -15.49 -1.53
CA GLY A 195 16.10 -15.34 -2.69
C GLY A 195 15.54 -14.42 -3.76
N THR A 196 14.28 -14.03 -3.67
CA THR A 196 13.73 -13.02 -4.58
C THR A 196 14.29 -11.66 -4.17
N ASP A 197 15.14 -11.07 -5.01
CA ASP A 197 15.87 -9.86 -4.64
C ASP A 197 15.23 -8.59 -5.21
N SER A 198 13.95 -8.64 -5.54
CA SER A 198 13.30 -7.57 -6.27
C SER A 198 12.11 -6.98 -5.52
N CYS A 199 12.00 -7.24 -4.21
CA CYS A 199 10.89 -6.71 -3.43
C CYS A 199 11.05 -5.22 -3.14
N TYR A 200 9.92 -4.56 -2.97
CA TYR A 200 9.89 -3.14 -2.66
C TYR A 200 8.53 -2.81 -2.05
N PHE A 201 8.49 -1.69 -1.34
CA PHE A 201 7.24 -1.18 -0.81
C PHE A 201 6.50 -0.30 -1.81
N LYS A 202 5.18 -0.25 -1.64
CA LYS A 202 4.31 0.68 -2.36
C LYS A 202 3.24 1.18 -1.40
N ALA A 203 2.68 2.35 -1.71
CA ALA A 203 1.54 2.85 -0.96
C ALA A 203 0.81 3.87 -1.78
N GLY A 204 -0.51 3.95 -1.59
CA GLY A 204 -1.33 4.91 -2.30
C GLY A 204 -2.73 4.36 -2.48
N ALA A 205 -3.20 4.34 -3.72
CA ALA A 205 -4.52 3.79 -4.05
C ALA A 205 -4.39 2.97 -5.32
N TYR A 206 -4.70 1.68 -5.22
CA TYR A 206 -4.66 0.77 -6.34
C TYR A 206 -6.00 0.04 -6.37
N ASN A 207 -6.78 0.27 -7.43
CA ASN A 207 -8.20 -0.04 -7.45
C ASN A 207 -8.45 -1.44 -8.02
N ASN A 208 -8.99 -2.34 -7.20
CA ASN A 208 -9.13 -3.74 -7.56
C ASN A 208 -10.60 -4.11 -7.73
N ASN A 209 -10.93 -4.73 -8.86
CA ASN A 209 -12.26 -5.29 -9.12
C ASN A 209 -13.42 -4.35 -8.82
N PRO A 210 -13.40 -3.11 -9.31
CA PRO A 210 -14.58 -2.26 -9.19
C PRO A 210 -15.70 -2.80 -10.06
N THR A 211 -16.91 -2.39 -9.75
CA THR A 211 -18.05 -2.70 -10.62
C THR A 211 -18.42 -1.54 -11.54
N SER A 212 -17.76 -0.41 -11.40
CA SER A 212 -17.87 0.68 -12.35
C SER A 212 -16.47 1.20 -12.56
N GLU A 213 -16.03 1.27 -13.82
CA GLU A 213 -14.71 1.78 -14.09
C GLU A 213 -14.62 3.29 -13.93
N SER A 214 -15.75 3.97 -13.77
N SER A 214 -15.75 3.95 -13.78
CA SER A 214 -15.73 5.42 -13.56
CA SER A 214 -15.79 5.40 -13.58
C SER A 214 -15.73 5.81 -12.08
C SER A 214 -15.69 5.79 -12.10
N ALA A 215 -15.86 4.84 -11.18
CA ALA A 215 -15.92 5.13 -9.74
C ALA A 215 -14.53 5.45 -9.18
N THR A 216 -14.40 6.58 -8.50
CA THR A 216 -13.10 7.08 -8.07
C THR A 216 -12.80 6.70 -6.62
N ALA A 217 -11.81 5.84 -6.45
CA ALA A 217 -11.25 5.52 -5.15
C ALA A 217 -10.47 6.74 -4.64
N ARG A 218 -10.46 6.92 -3.32
CA ARG A 218 -9.83 8.09 -2.71
C ARG A 218 -9.29 7.69 -1.34
N ILE A 219 -8.02 7.97 -1.09
CA ILE A 219 -7.33 7.57 0.13
C ILE A 219 -6.46 8.74 0.61
N LYS A 220 -6.52 9.06 1.91
N LYS A 220 -6.54 9.07 1.89
CA LYS A 220 -5.78 10.19 2.48
CA LYS A 220 -5.77 10.15 2.47
C LYS A 220 -4.70 9.70 3.44
C LYS A 220 -4.68 9.57 3.37
N PHE A 221 -3.44 10.01 3.16
CA PHE A 221 -2.35 9.65 4.04
C PHE A 221 -1.99 10.85 4.93
N ALA A 222 -2.03 10.64 6.25
CA ALA A 222 -1.49 11.60 7.20
C ALA A 222 0.01 11.44 7.42
N ALA A 223 0.56 10.27 7.11
CA ALA A 223 1.98 9.99 7.26
C ALA A 223 2.29 8.78 6.39
N LEU A 224 3.53 8.73 5.88
CA LEU A 224 4.01 7.56 5.15
C LEU A 224 5.53 7.60 5.19
N ALA A 225 6.16 6.47 5.49
CA ALA A 225 7.62 6.42 5.45
C ALA A 225 8.11 4.99 5.23
N TRP A 226 9.27 4.89 4.60
CA TRP A 226 10.06 3.66 4.65
C TRP A 226 11.15 3.91 5.69
N VAL A 227 11.23 3.06 6.71
CA VAL A 227 12.10 3.30 7.85
C VAL A 227 13.35 2.45 7.68
N ASP A 228 14.51 3.10 7.49
CA ASP A 228 15.77 2.40 7.26
C ASP A 228 16.41 2.05 8.61
N HIS A 229 16.52 0.76 8.89
CA HIS A 229 17.11 0.32 10.15
C HIS A 229 18.63 0.45 10.17
N HIS A 230 19.26 0.85 9.07
CA HIS A 230 20.71 0.96 9.02
C HIS A 230 21.23 2.40 9.07
N HIS A 231 20.38 3.40 8.88
CA HIS A 231 20.81 4.79 9.05
CA HIS A 231 20.82 4.79 9.07
C HIS A 231 22.01 5.14 8.19
#